data_2DYN
#
_entry.id   2DYN
#
_cell.length_a   86.020
_cell.length_b   86.020
_cell.length_c   137.620
_cell.angle_alpha   90.00
_cell.angle_beta   90.00
_cell.angle_gamma   90.00
#
_symmetry.space_group_name_H-M   'I 4 2 2'
#
loop_
_entity.id
_entity.type
_entity.pdbx_description
1 polymer DYNAMIN
2 water water
#
_entity_poly.entity_id   1
_entity_poly.type   'polypeptide(L)'
_entity_poly.pdbx_seq_one_letter_code
;KKTSGNQDEILVIRKGWLTINNIGIMKGGSKEYWFVLTAENLSWYKDDEEKEKKYMLSVDNLKLRDVEKGFMSSKHIFAL
FNTEQRNVYKDYRQLELACETQEEVDSWKASFLRAGVYPERV
;
_entity_poly.pdbx_strand_id   A,B
#
# COMPACT_ATOMS: atom_id res chain seq x y z
N ILE A 10 -15.03 -5.29 -3.60
CA ILE A 10 -15.02 -4.51 -4.87
C ILE A 10 -13.96 -3.40 -4.82
N LEU A 11 -13.73 -2.87 -3.62
CA LEU A 11 -12.76 -1.78 -3.44
C LEU A 11 -11.30 -2.30 -3.47
N VAL A 12 -10.42 -1.54 -4.10
CA VAL A 12 -9.00 -1.88 -4.20
C VAL A 12 -8.30 -1.44 -2.91
N ILE A 13 -7.72 -2.39 -2.20
CA ILE A 13 -7.04 -2.11 -0.94
C ILE A 13 -5.65 -1.53 -1.10
N ARG A 14 -4.89 -2.06 -2.06
CA ARG A 14 -3.54 -1.58 -2.26
C ARG A 14 -2.99 -2.07 -3.58
N LYS A 15 -2.03 -1.32 -4.12
CA LYS A 15 -1.33 -1.67 -5.35
C LYS A 15 0.12 -1.32 -5.08
N GLY A 16 1.02 -2.21 -5.46
CA GLY A 16 2.43 -1.96 -5.24
C GLY A 16 3.25 -3.12 -5.77
N TRP A 17 4.54 -2.89 -5.96
CA TRP A 17 5.46 -3.91 -6.45
C TRP A 17 5.88 -4.83 -5.32
N LEU A 18 6.01 -6.11 -5.63
CA LEU A 18 6.45 -7.13 -4.67
C LEU A 18 7.28 -8.13 -5.46
N THR A 19 8.21 -8.79 -4.79
CA THR A 19 9.05 -9.76 -5.46
C THR A 19 8.62 -11.19 -5.13
N ILE A 20 8.34 -11.99 -6.16
CA ILE A 20 7.97 -13.39 -5.93
C ILE A 20 9.32 -14.09 -5.82
N ASN A 21 9.66 -14.47 -4.61
CA ASN A 21 10.95 -15.10 -4.34
C ASN A 21 11.10 -16.57 -4.74
N ASN A 22 10.00 -17.25 -5.05
CA ASN A 22 10.08 -18.66 -5.41
C ASN A 22 9.59 -19.12 -6.79
N ILE A 23 9.97 -18.40 -7.85
CA ILE A 23 9.59 -18.77 -9.22
C ILE A 23 10.63 -19.76 -9.77
N GLY A 24 10.15 -20.81 -10.42
CA GLY A 24 11.06 -21.80 -10.99
C GLY A 24 11.92 -21.22 -12.10
N ILE A 25 13.21 -21.54 -12.09
CA ILE A 25 14.14 -21.05 -13.10
C ILE A 25 13.63 -21.28 -14.52
N MET A 26 12.92 -22.38 -14.72
CA MET A 26 12.34 -22.71 -16.03
C MET A 26 11.51 -21.57 -16.60
N LYS A 27 10.92 -20.78 -15.71
CA LYS A 27 10.12 -19.63 -16.10
C LYS A 27 10.98 -18.38 -16.10
N GLY A 28 12.07 -18.41 -15.33
CA GLY A 28 12.97 -17.27 -15.27
C GLY A 28 13.74 -17.13 -13.97
N GLY A 29 13.03 -17.18 -12.85
CA GLY A 29 13.65 -17.05 -11.54
C GLY A 29 12.88 -16.02 -10.72
N SER A 30 13.47 -15.56 -9.60
CA SER A 30 12.82 -14.57 -8.74
C SER A 30 12.61 -13.28 -9.54
N LYS A 31 11.36 -12.80 -9.58
CA LYS A 31 11.02 -11.59 -10.34
C LYS A 31 10.13 -10.65 -9.55
N GLU A 32 10.05 -9.40 -9.99
CA GLU A 32 9.23 -8.38 -9.31
C GLU A 32 7.98 -8.20 -10.15
N TYR A 33 6.82 -8.25 -9.51
CA TYR A 33 5.54 -8.10 -10.20
C TYR A 33 4.67 -7.03 -9.51
N TRP A 34 3.69 -6.51 -10.25
CA TRP A 34 2.78 -5.48 -9.75
C TRP A 34 1.53 -6.13 -9.14
N PHE A 35 1.39 -6.02 -7.82
CA PHE A 35 0.26 -6.62 -7.10
C PHE A 35 -0.93 -5.70 -6.85
N VAL A 36 -2.12 -6.27 -7.02
CA VAL A 36 -3.38 -5.56 -6.79
C VAL A 36 -4.16 -6.37 -5.79
N LEU A 37 -4.39 -5.78 -4.62
CA LEU A 37 -5.12 -6.45 -3.55
C LEU A 37 -6.49 -5.84 -3.29
N THR A 38 -7.55 -6.63 -3.47
CA THR A 38 -8.91 -6.18 -3.20
C THR A 38 -9.43 -7.08 -2.08
N ALA A 39 -10.63 -6.79 -1.58
CA ALA A 39 -11.20 -7.59 -0.51
C ALA A 39 -11.58 -8.99 -0.97
N GLU A 40 -11.59 -9.22 -2.28
CA GLU A 40 -11.95 -10.52 -2.84
C GLU A 40 -10.80 -11.28 -3.55
N ASN A 41 -9.88 -10.55 -4.19
CA ASN A 41 -8.78 -11.20 -4.91
C ASN A 41 -7.44 -10.52 -4.75
N LEU A 42 -6.39 -11.26 -5.08
CA LEU A 42 -5.00 -10.77 -5.09
C LEU A 42 -4.52 -11.12 -6.50
N SER A 43 -4.19 -10.10 -7.28
CA SER A 43 -3.74 -10.31 -8.65
C SER A 43 -2.35 -9.71 -8.82
N TRP A 44 -1.59 -10.27 -9.76
CA TRP A 44 -0.27 -9.73 -10.06
C TRP A 44 -0.09 -9.62 -11.57
N TYR A 45 0.41 -8.47 -12.00
CA TYR A 45 0.63 -8.17 -13.41
C TYR A 45 2.13 -8.04 -13.71
N LYS A 46 2.48 -8.03 -14.99
CA LYS A 46 3.87 -7.87 -15.42
C LYS A 46 4.40 -6.52 -14.94
N ASP A 47 3.56 -5.50 -15.07
CA ASP A 47 3.92 -4.15 -14.64
C ASP A 47 2.67 -3.35 -14.27
N ASP A 48 2.87 -2.10 -13.85
CA ASP A 48 1.78 -1.23 -13.43
C ASP A 48 0.78 -0.75 -14.47
N GLU A 49 0.96 -1.14 -15.73
CA GLU A 49 0.00 -0.75 -16.77
C GLU A 49 -1.15 -1.75 -16.81
N GLU A 50 -0.96 -2.87 -16.11
CA GLU A 50 -1.96 -3.93 -15.99
C GLU A 50 -2.46 -4.51 -17.31
N LYS A 51 -1.55 -4.66 -18.26
CA LYS A 51 -1.91 -5.20 -19.57
C LYS A 51 -1.83 -6.72 -19.54
N GLU A 52 -0.97 -7.24 -18.67
CA GLU A 52 -0.80 -8.69 -18.57
C GLU A 52 -0.95 -9.14 -17.13
N LYS A 53 -2.03 -9.87 -16.86
CA LYS A 53 -2.33 -10.39 -15.53
C LYS A 53 -1.86 -11.84 -15.48
N LYS A 54 -0.83 -12.10 -14.68
CA LYS A 54 -0.26 -13.44 -14.57
C LYS A 54 -1.19 -14.42 -13.89
N TYR A 55 -1.81 -13.98 -12.80
CA TYR A 55 -2.74 -14.84 -12.08
C TYR A 55 -3.59 -14.03 -11.12
N MET A 56 -4.63 -14.67 -10.61
CA MET A 56 -5.54 -14.03 -9.68
C MET A 56 -5.93 -15.11 -8.67
N LEU A 57 -5.66 -14.85 -7.40
CA LEU A 57 -6.00 -15.78 -6.34
C LEU A 57 -7.14 -15.21 -5.52
N SER A 58 -8.00 -16.09 -5.03
CA SER A 58 -9.11 -15.65 -4.20
C SER A 58 -8.51 -15.54 -2.81
N VAL A 59 -8.91 -14.51 -2.05
CA VAL A 59 -8.38 -14.34 -0.70
C VAL A 59 -9.04 -15.27 0.32
N ASP A 60 -10.00 -16.06 -0.12
CA ASP A 60 -10.66 -17.00 0.79
C ASP A 60 -9.72 -18.15 1.12
N ASN A 61 -9.68 -18.52 2.40
CA ASN A 61 -8.84 -19.61 2.89
C ASN A 61 -7.35 -19.39 2.61
N LEU A 62 -6.96 -18.12 2.52
CA LEU A 62 -5.57 -17.77 2.27
C LEU A 62 -5.02 -17.25 3.60
N LYS A 63 -3.86 -17.75 4.01
CA LYS A 63 -3.23 -17.28 5.23
C LYS A 63 -1.80 -16.88 4.94
N LEU A 64 -1.16 -16.26 5.91
CA LEU A 64 0.19 -15.76 5.73
C LEU A 64 1.10 -16.21 6.85
N ARG A 65 2.34 -16.52 6.52
CA ARG A 65 3.33 -16.94 7.51
C ARG A 65 4.68 -16.38 7.12
N ASP A 66 5.63 -16.46 8.03
CA ASP A 66 6.96 -15.94 7.75
C ASP A 66 7.90 -16.96 7.15
N VAL A 67 8.90 -16.45 6.44
CA VAL A 67 9.92 -17.26 5.80
C VAL A 67 11.24 -16.74 6.36
N GLU A 68 12.05 -17.64 6.91
CA GLU A 68 13.33 -17.25 7.51
C GLU A 68 14.36 -16.65 6.56
N LYS A 69 14.95 -15.54 6.99
CA LYS A 69 15.96 -14.82 6.21
C LYS A 69 17.22 -15.65 6.04
N GLY A 70 17.30 -16.38 4.93
CA GLY A 70 18.46 -17.20 4.66
C GLY A 70 19.60 -16.37 4.11
N PHE A 71 20.83 -16.73 4.47
CA PHE A 71 22.02 -15.99 4.02
C PHE A 71 22.03 -15.68 2.53
N MET A 72 21.73 -16.69 1.71
CA MET A 72 21.71 -16.51 0.26
C MET A 72 20.63 -15.50 -0.13
N SER A 73 19.41 -15.75 0.31
CA SER A 73 18.28 -14.87 0.03
C SER A 73 18.10 -13.88 1.18
N SER A 74 19.18 -13.18 1.54
CA SER A 74 19.16 -12.21 2.63
C SER A 74 18.25 -11.01 2.33
N LYS A 75 16.95 -11.25 2.47
CA LYS A 75 15.91 -10.25 2.22
C LYS A 75 14.80 -10.54 3.23
N HIS A 76 13.71 -9.79 3.17
CA HIS A 76 12.61 -10.03 4.09
C HIS A 76 11.46 -10.65 3.35
N ILE A 77 11.06 -11.83 3.80
CA ILE A 77 10.03 -12.60 3.12
C ILE A 77 8.88 -13.11 3.98
N PHE A 78 7.71 -13.21 3.36
CA PHE A 78 6.52 -13.74 4.00
C PHE A 78 5.86 -14.59 2.91
N ALA A 79 4.93 -15.45 3.29
CA ALA A 79 4.29 -16.31 2.32
C ALA A 79 2.79 -16.46 2.52
N LEU A 80 2.10 -16.76 1.43
CA LEU A 80 0.67 -16.97 1.42
C LEU A 80 0.44 -18.44 1.09
N PHE A 81 -0.52 -19.07 1.78
CA PHE A 81 -0.85 -20.47 1.54
C PHE A 81 -2.34 -20.70 1.72
N ASN A 82 -2.84 -21.76 1.11
CA ASN A 82 -4.26 -22.11 1.22
C ASN A 82 -4.42 -23.15 2.31
N THR A 83 -5.36 -22.92 3.22
CA THR A 83 -5.59 -23.85 4.32
C THR A 83 -6.36 -25.10 3.90
N GLU A 84 -7.02 -25.02 2.75
CA GLU A 84 -7.80 -26.14 2.21
C GLU A 84 -7.03 -26.92 1.16
N GLN A 85 -6.22 -26.21 0.37
CA GLN A 85 -5.43 -26.84 -0.68
C GLN A 85 -3.97 -27.00 -0.31
N ARG A 86 -3.28 -27.86 -1.05
CA ARG A 86 -1.86 -28.10 -0.81
C ARG A 86 -1.08 -27.07 -1.61
N ASN A 87 -1.51 -26.85 -2.85
CA ASN A 87 -0.88 -25.88 -3.74
C ASN A 87 -1.79 -24.66 -3.87
N VAL A 88 -1.23 -23.49 -3.58
CA VAL A 88 -1.97 -22.22 -3.65
C VAL A 88 -2.08 -21.78 -5.10
N TYR A 89 -0.97 -21.88 -5.80
CA TYR A 89 -0.87 -21.46 -7.17
C TYR A 89 -0.08 -22.57 -7.87
N LYS A 90 -0.66 -23.11 -8.94
CA LYS A 90 -0.04 -24.17 -9.71
C LYS A 90 0.49 -25.31 -8.85
N ASP A 91 1.81 -25.51 -8.86
CA ASP A 91 2.44 -26.59 -8.09
C ASP A 91 3.21 -26.05 -6.89
N TYR A 92 2.93 -24.82 -6.51
CA TYR A 92 3.62 -24.21 -5.39
C TYR A 92 2.84 -24.37 -4.09
N ARG A 93 3.49 -24.92 -3.08
CA ARG A 93 2.84 -25.13 -1.79
C ARG A 93 2.57 -23.80 -1.08
N GLN A 94 3.32 -22.77 -1.45
CA GLN A 94 3.14 -21.45 -0.84
C GLN A 94 3.77 -20.37 -1.71
N LEU A 95 3.15 -19.20 -1.74
CA LEU A 95 3.62 -18.06 -2.52
C LEU A 95 4.50 -17.18 -1.63
N GLU A 96 5.78 -17.11 -1.95
CA GLU A 96 6.73 -16.32 -1.17
C GLU A 96 6.92 -14.91 -1.74
N LEU A 97 6.56 -13.91 -0.94
CA LEU A 97 6.67 -12.53 -1.35
C LEU A 97 7.79 -11.87 -0.55
N ALA A 98 8.71 -11.22 -1.25
CA ALA A 98 9.86 -10.58 -0.62
C ALA A 98 9.86 -9.06 -0.77
N CYS A 99 10.49 -8.39 0.20
CA CYS A 99 10.58 -6.95 0.22
C CYS A 99 11.98 -6.54 0.65
N GLU A 100 12.41 -5.36 0.23
CA GLU A 100 13.73 -4.85 0.59
C GLU A 100 13.92 -4.70 2.09
N THR A 101 12.98 -4.01 2.74
CA THR A 101 13.08 -3.79 4.17
C THR A 101 12.00 -4.52 4.97
N GLN A 102 12.18 -4.57 6.29
CA GLN A 102 11.24 -5.21 7.21
C GLN A 102 9.97 -4.34 7.35
N GLU A 103 10.15 -3.02 7.26
CA GLU A 103 9.03 -2.08 7.36
C GLU A 103 8.01 -2.30 6.24
N GLU A 104 8.50 -2.69 5.06
CA GLU A 104 7.63 -2.94 3.92
C GLU A 104 6.80 -4.21 4.12
N VAL A 105 7.38 -5.20 4.79
CA VAL A 105 6.67 -6.46 5.05
C VAL A 105 5.52 -6.16 6.02
N ASP A 106 5.82 -5.42 7.10
CA ASP A 106 4.82 -5.06 8.09
C ASP A 106 3.69 -4.26 7.43
N SER A 107 4.07 -3.39 6.50
CA SER A 107 3.10 -2.56 5.80
C SER A 107 2.12 -3.42 5.02
N TRP A 108 2.64 -4.38 4.26
CA TRP A 108 1.79 -5.27 3.47
C TRP A 108 0.95 -6.19 4.34
N LYS A 109 1.50 -6.61 5.47
CA LYS A 109 0.76 -7.48 6.39
C LYS A 109 -0.51 -6.77 6.83
N ALA A 110 -0.37 -5.48 7.15
CA ALA A 110 -1.50 -4.67 7.58
C ALA A 110 -2.54 -4.62 6.46
N SER A 111 -2.09 -4.44 5.23
CA SER A 111 -3.00 -4.40 4.10
C SER A 111 -3.71 -5.75 3.93
N PHE A 112 -2.99 -6.84 4.18
CA PHE A 112 -3.58 -8.16 4.06
C PHE A 112 -4.66 -8.39 5.11
N LEU A 113 -4.47 -7.84 6.30
CA LEU A 113 -5.45 -7.97 7.37
C LEU A 113 -6.78 -7.40 6.92
N ARG A 114 -6.72 -6.24 6.28
CA ARG A 114 -7.91 -5.56 5.78
C ARG A 114 -8.67 -6.42 4.78
N ALA A 115 -7.97 -7.34 4.15
CA ALA A 115 -8.58 -8.25 3.16
C ALA A 115 -9.02 -9.57 3.80
N GLY A 116 -8.71 -9.75 5.08
CA GLY A 116 -9.09 -10.96 5.77
C GLY A 116 -8.01 -12.02 5.85
N VAL A 117 -6.90 -11.82 5.14
CA VAL A 117 -5.78 -12.78 5.16
C VAL A 117 -5.06 -12.63 6.49
N TYR A 118 -5.29 -13.56 7.39
CA TYR A 118 -4.69 -13.53 8.72
C TYR A 118 -3.40 -14.34 8.80
N PRO A 119 -2.53 -14.01 9.77
CA PRO A 119 -1.28 -14.76 9.93
C PRO A 119 -1.55 -16.12 10.54
N GLU A 120 -0.55 -17.00 10.45
CA GLU A 120 -0.64 -18.35 10.99
C GLU A 120 -0.12 -18.35 12.43
N ILE B 10 9.16 6.22 -13.70
CA ILE B 10 9.14 6.56 -12.24
C ILE B 10 8.62 5.34 -11.48
N LEU B 11 9.19 5.07 -10.31
CA LEU B 11 8.78 3.92 -9.51
C LEU B 11 7.66 4.28 -8.53
N VAL B 12 6.53 3.59 -8.64
CA VAL B 12 5.41 3.83 -7.73
C VAL B 12 5.62 3.01 -6.47
N ILE B 13 5.52 3.67 -5.33
CA ILE B 13 5.69 3.04 -4.03
C ILE B 13 4.38 2.38 -3.55
N ARG B 14 3.26 3.07 -3.73
CA ARG B 14 1.97 2.56 -3.28
C ARG B 14 0.81 3.33 -3.90
N LYS B 15 -0.32 2.65 -4.03
CA LYS B 15 -1.54 3.25 -4.55
C LYS B 15 -2.65 2.78 -3.62
N GLY B 16 -3.56 3.67 -3.27
CA GLY B 16 -4.65 3.30 -2.38
C GLY B 16 -5.52 4.50 -2.09
N TRP B 17 -6.67 4.24 -1.46
CA TRP B 17 -7.60 5.30 -1.12
C TRP B 17 -7.30 5.89 0.25
N LEU B 18 -7.47 7.21 0.35
CA LEU B 18 -7.29 7.93 1.60
C LEU B 18 -8.35 9.02 1.59
N THR B 19 -8.75 9.46 2.77
CA THR B 19 -9.75 10.51 2.90
C THR B 19 -9.05 11.82 3.26
N ILE B 20 -9.29 12.89 2.50
CA ILE B 20 -8.69 14.18 2.81
C ILE B 20 -9.67 14.81 3.81
N ASN B 21 -9.24 14.88 5.07
CA ASN B 21 -10.05 15.37 6.19
C ASN B 21 -10.26 16.88 6.38
N ASN B 22 -9.37 17.71 5.85
CA ASN B 22 -9.49 19.16 6.04
C ASN B 22 -9.61 20.01 4.79
N ILE B 23 -9.89 19.37 3.66
CA ILE B 23 -10.03 20.10 2.40
C ILE B 23 -11.41 19.83 1.78
N GLY B 24 -12.34 20.75 2.01
CA GLY B 24 -13.69 20.63 1.49
C GLY B 24 -14.75 21.07 2.49
N ILE B 25 -15.08 20.18 3.41
CA ILE B 25 -16.06 20.44 4.47
C ILE B 25 -17.42 20.95 3.94
N MET B 26 -17.64 22.25 4.07
CA MET B 26 -18.89 22.88 3.65
C MET B 26 -19.15 22.70 2.16
N LYS B 27 -18.07 22.53 1.39
CA LYS B 27 -18.18 22.34 -0.04
C LYS B 27 -18.78 20.98 -0.40
N GLY B 28 -18.40 19.95 0.35
CA GLY B 28 -18.93 18.62 0.08
C GLY B 28 -18.37 17.51 0.94
N GLY B 29 -18.72 17.53 2.23
CA GLY B 29 -18.25 16.51 3.15
C GLY B 29 -16.74 16.35 3.21
N SER B 30 -16.27 15.14 2.96
CA SER B 30 -14.83 14.85 2.98
C SER B 30 -14.42 14.20 1.66
N LYS B 31 -15.08 13.09 1.32
CA LYS B 31 -14.81 12.35 0.09
C LYS B 31 -13.43 11.70 0.09
N GLU B 32 -13.33 10.54 -0.55
CA GLU B 32 -12.07 9.82 -0.62
C GLU B 32 -11.44 10.02 -1.99
N TYR B 33 -10.11 10.01 -2.02
CA TYR B 33 -9.38 10.18 -3.27
C TYR B 33 -8.42 9.02 -3.43
N TRP B 34 -8.09 8.74 -4.68
CA TRP B 34 -7.16 7.66 -5.00
C TRP B 34 -5.79 8.30 -5.03
N PHE B 35 -4.91 7.86 -4.14
CA PHE B 35 -3.55 8.38 -4.04
C PHE B 35 -2.49 7.51 -4.71
N VAL B 36 -1.49 8.16 -5.27
CA VAL B 36 -0.37 7.48 -5.91
C VAL B 36 0.89 8.12 -5.37
N LEU B 37 1.63 7.38 -4.56
CA LEU B 37 2.86 7.88 -3.97
C LEU B 37 4.09 7.35 -4.69
N THR B 38 4.98 8.25 -5.11
CA THR B 38 6.22 7.88 -5.78
C THR B 38 7.34 8.47 -4.92
N ALA B 39 8.59 8.20 -5.29
CA ALA B 39 9.72 8.72 -4.52
C ALA B 39 9.88 10.23 -4.72
N GLU B 40 9.21 10.78 -5.73
CA GLU B 40 9.30 12.20 -5.99
C GLU B 40 8.06 13.00 -5.60
N ASN B 41 6.88 12.38 -5.68
CA ASN B 41 5.64 13.07 -5.35
C ASN B 41 4.43 12.21 -4.96
N LEU B 42 3.44 12.86 -4.37
CA LEU B 42 2.19 12.24 -3.96
C LEU B 42 1.10 12.89 -4.82
N SER B 43 0.39 12.09 -5.61
CA SER B 43 -0.67 12.60 -6.45
C SER B 43 -1.97 11.95 -6.06
N TRP B 44 -3.07 12.66 -6.20
CA TRP B 44 -4.37 12.10 -5.91
C TRP B 44 -5.31 12.35 -7.07
N TYR B 45 -6.11 11.34 -7.38
CA TYR B 45 -7.06 11.39 -8.50
C TYR B 45 -8.47 11.14 -7.99
N LYS B 46 -9.45 11.31 -8.86
CA LYS B 46 -10.84 11.06 -8.51
C LYS B 46 -11.10 9.59 -8.21
N ASP B 47 -10.45 8.70 -8.96
CA ASP B 47 -10.63 7.27 -8.76
C ASP B 47 -9.46 6.48 -9.30
N ASP B 48 -9.47 5.16 -9.08
CA ASP B 48 -8.39 4.28 -9.53
C ASP B 48 -8.20 4.14 -11.03
N GLU B 49 -9.06 4.78 -11.82
CA GLU B 49 -8.91 4.73 -13.27
C GLU B 49 -7.82 5.75 -13.67
N GLU B 50 -7.52 6.63 -12.73
CA GLU B 50 -6.50 7.69 -12.88
C GLU B 50 -6.64 8.55 -14.12
N LYS B 51 -7.87 8.68 -14.61
CA LYS B 51 -8.15 9.48 -15.81
C LYS B 51 -8.48 10.94 -15.49
N GLU B 52 -8.47 11.29 -14.20
CA GLU B 52 -8.80 12.65 -13.77
C GLU B 52 -8.01 13.02 -12.52
N LYS B 53 -6.85 13.66 -12.72
CA LYS B 53 -5.98 14.05 -11.62
C LYS B 53 -6.44 15.33 -10.92
N LYS B 54 -6.38 15.31 -9.59
CA LYS B 54 -6.76 16.46 -8.78
C LYS B 54 -5.58 17.34 -8.39
N TYR B 55 -4.44 16.72 -8.12
CA TYR B 55 -3.25 17.48 -7.74
C TYR B 55 -2.05 16.57 -7.58
N MET B 56 -0.86 17.15 -7.71
CA MET B 56 0.40 16.43 -7.58
C MET B 56 1.24 17.25 -6.59
N LEU B 57 1.59 16.64 -5.47
CA LEU B 57 2.37 17.32 -4.44
C LEU B 57 3.77 16.74 -4.33
N SER B 58 4.78 17.59 -4.43
CA SER B 58 6.16 17.14 -4.30
C SER B 58 6.39 16.73 -2.85
N VAL B 59 7.22 15.71 -2.63
CA VAL B 59 7.50 15.25 -1.28
C VAL B 59 8.68 15.99 -0.65
N ASP B 60 9.26 16.93 -1.41
CA ASP B 60 10.39 17.70 -0.91
C ASP B 60 9.99 18.58 0.27
N ASN B 61 10.76 18.48 1.35
CA ASN B 61 10.55 19.26 2.55
C ASN B 61 9.28 18.89 3.34
N LEU B 62 8.71 17.72 3.04
CA LEU B 62 7.51 17.26 3.74
C LEU B 62 7.88 16.36 4.90
N LYS B 63 7.13 16.49 5.99
CA LYS B 63 7.32 15.65 7.15
C LYS B 63 5.91 15.22 7.51
N LEU B 64 5.81 14.27 8.42
CA LEU B 64 4.52 13.71 8.80
C LEU B 64 4.30 13.79 10.30
N ARG B 65 3.05 13.93 10.73
CA ARG B 65 2.74 13.98 12.16
C ARG B 65 1.31 13.51 12.44
N ASP B 66 1.11 13.00 13.65
CA ASP B 66 -0.20 12.48 14.08
C ASP B 66 -1.13 13.59 14.53
N VAL B 67 -2.43 13.36 14.39
CA VAL B 67 -3.44 14.34 14.79
C VAL B 67 -4.65 13.66 15.47
N GLU B 68 -4.83 13.94 16.75
CA GLU B 68 -5.93 13.39 17.55
C GLU B 68 -7.13 14.33 17.50
N LYS B 69 -8.22 13.85 16.91
CA LYS B 69 -9.45 14.64 16.76
C LYS B 69 -10.60 13.68 16.47
N GLY B 70 -11.81 14.05 16.90
CA GLY B 70 -12.95 13.19 16.66
C GLY B 70 -13.92 13.16 17.83
N PHE B 71 -13.79 12.12 18.66
CA PHE B 71 -14.64 11.94 19.84
C PHE B 71 -16.12 11.78 19.48
N MET B 72 -16.39 11.40 18.23
CA MET B 72 -17.75 11.22 17.75
C MET B 72 -17.82 9.93 16.94
N SER B 73 -17.01 9.86 15.88
CA SER B 73 -16.96 8.69 15.02
C SER B 73 -15.51 8.23 14.93
N SER B 74 -15.28 6.94 15.13
CA SER B 74 -13.93 6.38 15.09
C SER B 74 -13.21 6.75 13.78
N LYS B 75 -12.08 7.45 13.93
CA LYS B 75 -11.29 7.87 12.78
C LYS B 75 -9.85 8.06 13.22
N HIS B 76 -8.91 7.90 12.29
CA HIS B 76 -7.48 8.06 12.60
C HIS B 76 -6.88 8.98 11.56
N ILE B 77 -6.26 10.06 12.04
CA ILE B 77 -5.68 11.07 11.16
C ILE B 77 -4.16 11.26 11.31
N PHE B 78 -3.53 11.63 10.20
CA PHE B 78 -2.10 11.95 10.13
C PHE B 78 -2.00 13.05 9.05
N ALA B 79 -1.03 13.95 9.15
CA ALA B 79 -0.93 15.03 8.17
C ALA B 79 0.46 15.22 7.62
N LEU B 80 0.52 15.76 6.39
CA LEU B 80 1.78 16.06 5.73
C LEU B 80 1.89 17.57 5.82
N PHE B 81 3.09 18.05 6.12
CA PHE B 81 3.30 19.49 6.24
C PHE B 81 4.67 19.86 5.70
N ASN B 82 4.77 21.06 5.14
CA ASN B 82 6.03 21.53 4.59
C ASN B 82 6.77 22.25 5.72
N THR B 83 8.01 21.84 5.95
CA THR B 83 8.83 22.44 7.02
C THR B 83 9.46 23.78 6.63
N GLU B 84 9.55 24.03 5.32
CA GLU B 84 10.13 25.28 4.82
C GLU B 84 9.05 26.29 4.47
N GLN B 85 7.78 25.92 4.66
CA GLN B 85 6.65 26.79 4.34
C GLN B 85 5.56 26.74 5.41
N ARG B 86 4.69 27.75 5.39
CA ARG B 86 3.60 27.81 6.34
C ARG B 86 2.41 27.01 5.80
N ASN B 87 2.30 26.93 4.48
CA ASN B 87 1.22 26.21 3.83
C ASN B 87 1.78 25.14 2.89
N VAL B 88 1.47 23.88 3.17
CA VAL B 88 1.96 22.76 2.36
C VAL B 88 1.32 22.70 0.98
N TYR B 89 0.10 23.18 0.88
CA TYR B 89 -0.65 23.13 -0.37
C TYR B 89 -1.69 24.26 -0.31
N LYS B 90 -1.65 25.14 -1.31
CA LYS B 90 -2.56 26.29 -1.37
C LYS B 90 -2.52 27.05 -0.06
N ASP B 91 -3.66 27.32 0.57
CA ASP B 91 -3.66 28.04 1.84
C ASP B 91 -3.92 27.11 3.03
N TYR B 92 -3.57 25.85 2.87
CA TYR B 92 -3.75 24.86 3.93
C TYR B 92 -2.42 24.65 4.65
N ARG B 93 -2.46 24.74 5.98
CA ARG B 93 -1.25 24.57 6.78
C ARG B 93 -0.69 23.14 6.62
N GLN B 94 -1.59 22.16 6.60
CA GLN B 94 -1.20 20.76 6.45
C GLN B 94 -2.27 19.99 5.69
N LEU B 95 -1.87 18.84 5.14
CA LEU B 95 -2.79 17.98 4.39
C LEU B 95 -3.14 16.81 5.31
N GLU B 96 -4.35 16.86 5.85
CA GLU B 96 -4.83 15.83 6.76
C GLU B 96 -5.42 14.66 6.01
N LEU B 97 -4.83 13.48 6.21
CA LEU B 97 -5.26 12.24 5.55
C LEU B 97 -5.85 11.30 6.61
N ALA B 98 -7.05 10.80 6.35
CA ALA B 98 -7.74 9.92 7.28
C ALA B 98 -7.86 8.48 6.82
N CYS B 99 -7.63 7.58 7.74
CA CYS B 99 -7.70 6.14 7.49
C CYS B 99 -8.73 5.55 8.44
N GLU B 100 -9.19 4.35 8.10
CA GLU B 100 -10.19 3.69 8.91
C GLU B 100 -9.64 3.08 10.20
N THR B 101 -8.44 2.52 10.15
CA THR B 101 -7.87 1.90 11.34
C THR B 101 -6.48 2.43 11.65
N GLN B 102 -5.98 2.05 12.82
CA GLN B 102 -4.64 2.44 13.24
C GLN B 102 -3.66 1.64 12.40
N GLU B 103 -4.04 0.40 12.07
CA GLU B 103 -3.21 -0.47 11.25
C GLU B 103 -2.91 0.17 9.90
N GLU B 104 -3.94 0.71 9.26
CA GLU B 104 -3.81 1.35 7.95
C GLU B 104 -2.95 2.60 7.99
N VAL B 105 -3.03 3.36 9.08
CA VAL B 105 -2.23 4.58 9.24
C VAL B 105 -0.75 4.20 9.33
N ASP B 106 -0.44 3.23 10.20
CA ASP B 106 0.92 2.77 10.38
C ASP B 106 1.45 2.14 9.08
N SER B 107 0.54 1.56 8.29
CA SER B 107 0.86 0.94 7.02
C SER B 107 1.30 2.03 6.03
N TRP B 108 0.54 3.13 5.98
CA TRP B 108 0.85 4.24 5.10
C TRP B 108 2.11 5.00 5.54
N LYS B 109 2.28 5.14 6.85
CA LYS B 109 3.47 5.81 7.42
C LYS B 109 4.74 5.12 6.92
N ALA B 110 4.73 3.79 6.96
CA ALA B 110 5.86 2.99 6.51
C ALA B 110 6.11 3.23 5.03
N SER B 111 5.04 3.44 4.25
CA SER B 111 5.20 3.71 2.83
C SER B 111 5.82 5.09 2.61
N PHE B 112 5.36 6.08 3.37
CA PHE B 112 5.90 7.43 3.26
C PHE B 112 7.39 7.46 3.60
N LEU B 113 7.79 6.57 4.50
CA LEU B 113 9.18 6.42 4.95
C LEU B 113 10.07 6.12 3.72
N ARG B 114 9.55 5.32 2.79
CA ARG B 114 10.31 4.96 1.59
C ARG B 114 10.46 6.16 0.65
N ALA B 115 9.61 7.17 0.82
CA ALA B 115 9.67 8.35 -0.02
C ALA B 115 10.46 9.49 0.64
N GLY B 116 10.99 9.23 1.83
CA GLY B 116 11.77 10.24 2.53
C GLY B 116 10.94 11.16 3.39
N VAL B 117 9.69 10.80 3.65
CA VAL B 117 8.81 11.60 4.48
C VAL B 117 8.87 10.99 5.86
N TYR B 118 9.61 11.62 6.76
CA TYR B 118 9.79 11.13 8.12
C TYR B 118 8.90 11.88 9.12
N PRO B 119 8.55 11.23 10.24
CA PRO B 119 7.70 11.88 11.25
C PRO B 119 8.43 13.04 11.92
N GLU B 120 7.63 14.01 12.36
CA GLU B 120 8.11 15.22 13.02
C GLU B 120 8.70 14.88 14.37
#